data_4TX4
#
_entry.id   4TX4
#
_cell.length_a   41.830
_cell.length_b   64.640
_cell.length_c   87.113
_cell.angle_alpha   90.000
_cell.angle_beta   90.000
_cell.angle_gamma   90.000
#
_symmetry.space_group_name_H-M   'P 21 21 21'
#
loop_
_entity.id
_entity.type
_entity.pdbx_description
1 polymer 'Cysteine proteinase inhibitor'
2 non-polymer 'SULFATE ION'
3 water water
#
_entity_poly.entity_id   1
_entity_poly.type   'polypeptide(L)'
_entity_poly.pdbx_seq_one_letter_code
;NSLEIDSLARFAVEEHNKKQNALLEFGRVVSAQQQVVSGTLYTITLEAKDGGQKKVYEAKVWEKPWLNFKELQEFKHVGD
APA
;
_entity_poly.pdbx_strand_id   B,A
#
# COMPACT_ATOMS: atom_id res chain seq x y z
N SER A 2 11.62 -13.18 16.97
CA SER A 2 10.55 -14.08 16.55
C SER A 2 10.82 -14.67 15.17
N LEU A 3 10.69 -15.99 15.06
CA LEU A 3 10.87 -16.70 13.80
C LEU A 3 9.81 -16.33 12.76
N GLU A 4 8.56 -16.13 13.17
CA GLU A 4 7.52 -15.76 12.20
C GLU A 4 7.80 -14.41 11.54
N ILE A 5 8.14 -13.41 12.35
CA ILE A 5 8.39 -12.08 11.82
C ILE A 5 9.64 -12.12 10.92
N ASP A 6 10.64 -12.88 11.32
CA ASP A 6 11.89 -12.94 10.55
C ASP A 6 11.57 -13.52 9.18
N SER A 7 10.68 -14.51 9.17
CA SER A 7 10.28 -15.16 7.93
C SER A 7 9.45 -14.23 7.00
N LEU A 8 8.58 -13.42 7.59
CA LEU A 8 7.82 -12.44 6.83
C LEU A 8 8.72 -11.35 6.28
N ALA A 9 9.68 -10.95 7.10
CA ALA A 9 10.61 -9.89 6.66
C ALA A 9 11.42 -10.39 5.44
N ARG A 10 11.83 -11.66 5.47
CA ARG A 10 12.64 -12.21 4.39
C ARG A 10 11.79 -12.36 3.14
N PHE A 11 10.53 -12.76 3.33
CA PHE A 11 9.56 -12.80 2.23
C PHE A 11 9.47 -11.44 1.55
N ALA A 12 9.37 -10.36 2.34
CA ALA A 12 9.18 -9.01 1.77
C ALA A 12 10.37 -8.68 0.90
N VAL A 13 11.57 -8.88 1.43
CA VAL A 13 12.77 -8.59 0.62
C VAL A 13 12.80 -9.43 -0.66
N GLU A 14 12.54 -10.73 -0.53
CA GLU A 14 12.59 -11.63 -1.71
C GLU A 14 11.58 -11.22 -2.75
N GLU A 15 10.40 -10.85 -2.29
CA GLU A 15 9.31 -10.48 -3.18
C GLU A 15 9.63 -9.13 -3.85
N HIS A 16 10.16 -8.19 -3.07
CA HIS A 16 10.65 -6.95 -3.65
C HIS A 16 11.70 -7.23 -4.70
N ASN A 17 12.65 -8.11 -4.37
CA ASN A 17 13.71 -8.41 -5.32
C ASN A 17 13.14 -8.98 -6.60
N LYS A 18 12.19 -9.89 -6.46
CA LYS A 18 11.69 -10.58 -7.63
C LYS A 18 10.88 -9.61 -8.47
N LYS A 19 10.06 -8.78 -7.83
CA LYS A 19 9.21 -7.84 -8.57
C LYS A 19 10.00 -6.74 -9.27
N GLN A 20 11.01 -6.19 -8.60
CA GLN A 20 11.76 -5.08 -9.16
C GLN A 20 13.06 -5.51 -9.84
N ASN A 21 13.34 -6.82 -9.86
CA ASN A 21 14.63 -7.33 -10.34
C ASN A 21 15.79 -6.66 -9.60
N ALA A 22 15.76 -6.70 -8.27
CA ALA A 22 16.83 -6.14 -7.45
C ALA A 22 17.59 -7.25 -6.72
N LEU A 23 18.67 -6.83 -6.06
CA LEU A 23 19.54 -7.76 -5.33
C LEU A 23 19.74 -7.29 -3.88
N LEU A 24 18.67 -6.85 -3.20
CA LEU A 24 18.78 -6.48 -1.78
C LEU A 24 19.11 -7.74 -0.96
N GLU A 25 20.01 -7.58 -0.01
CA GLU A 25 20.42 -8.70 0.86
C GLU A 25 19.88 -8.47 2.27
N PHE A 26 18.98 -9.35 2.70
CA PHE A 26 18.32 -9.19 4.00
C PHE A 26 19.34 -9.09 5.14
N GLY A 27 19.15 -8.13 6.04
CA GLY A 27 20.07 -7.94 7.16
C GLY A 27 19.43 -8.44 8.44
N ARG A 28 18.46 -7.69 8.97
CA ARG A 28 17.76 -8.11 10.16
C ARG A 28 16.47 -7.33 10.33
N VAL A 29 15.57 -7.87 11.15
CA VAL A 29 14.32 -7.17 11.51
C VAL A 29 14.69 -6.18 12.58
N VAL A 30 14.25 -4.92 12.48
CA VAL A 30 14.54 -4.06 13.61
C VAL A 30 13.31 -3.90 14.52
N SER A 31 12.10 -3.84 13.96
CA SER A 31 10.89 -3.82 14.82
C SER A 31 9.75 -4.27 13.98
N ALA A 32 8.64 -4.63 14.62
CA ALA A 32 7.47 -5.12 13.89
C ALA A 32 6.22 -4.92 14.70
N GLN A 33 5.15 -4.59 13.99
CA GLN A 33 3.82 -4.49 14.59
C GLN A 33 2.91 -5.42 13.83
N GLN A 34 1.88 -5.93 14.50
CA GLN A 34 0.85 -6.64 13.77
C GLN A 34 -0.52 -6.12 14.22
N GLN A 35 -1.51 -6.19 13.32
CA GLN A 35 -2.88 -5.83 13.65
C GLN A 35 -3.86 -6.70 12.89
N VAL A 36 -5.01 -6.95 13.51
CA VAL A 36 -6.12 -7.63 12.84
C VAL A 36 -6.73 -6.79 11.73
N VAL A 37 -6.81 -7.34 10.54
CA VAL A 37 -7.45 -6.65 9.41
C VAL A 37 -8.96 -6.81 9.50
N SER A 38 -9.69 -5.70 9.40
CA SER A 38 -11.14 -5.77 9.28
C SER A 38 -11.58 -4.58 8.44
N GLY A 39 -12.87 -4.53 8.13
CA GLY A 39 -13.38 -3.44 7.30
C GLY A 39 -13.52 -3.88 5.86
N THR A 40 -13.50 -2.90 4.95
CA THR A 40 -13.77 -3.10 3.54
C THR A 40 -12.68 -2.46 2.67
N LEU A 41 -12.30 -3.15 1.61
CA LEU A 41 -11.39 -2.65 0.59
C LEU A 41 -12.20 -2.25 -0.64
N TYR A 42 -12.20 -0.95 -0.95
CA TYR A 42 -12.91 -0.44 -2.12
C TYR A 42 -11.91 -0.26 -3.23
N THR A 43 -12.19 -0.82 -4.41
CA THR A 43 -11.44 -0.52 -5.63
C THR A 43 -12.28 0.40 -6.50
N ILE A 44 -11.82 1.62 -6.66
CA ILE A 44 -12.62 2.64 -7.27
C ILE A 44 -11.90 3.14 -8.53
N THR A 45 -12.63 3.13 -9.65
CA THR A 45 -12.19 3.80 -10.88
C THR A 45 -12.82 5.19 -10.94
N LEU A 46 -12.00 6.23 -11.10
CA LEU A 46 -12.50 7.60 -11.11
C LEU A 46 -11.83 8.39 -12.22
N GLU A 47 -12.49 9.48 -12.62
CA GLU A 47 -11.91 10.38 -13.60
C GLU A 47 -11.53 11.69 -12.92
N ALA A 48 -10.34 12.19 -13.25
CA ALA A 48 -9.94 13.50 -12.78
C ALA A 48 -9.09 14.18 -13.85
N LYS A 49 -9.05 15.50 -13.82
CA LYS A 49 -8.27 16.23 -14.81
C LYS A 49 -6.90 16.52 -14.24
N ASP A 50 -5.86 16.24 -15.03
CA ASP A 50 -4.49 16.50 -14.61
C ASP A 50 -3.67 16.68 -15.88
N GLY A 51 -2.70 17.57 -15.85
CA GLY A 51 -1.90 17.81 -17.04
C GLY A 51 -2.72 18.29 -18.22
N GLY A 52 -3.83 19.00 -17.94
CA GLY A 52 -4.61 19.60 -19.02
C GLY A 52 -5.51 18.63 -19.73
N GLN A 53 -5.69 17.44 -19.17
CA GLN A 53 -6.64 16.52 -19.76
C GLN A 53 -7.28 15.57 -18.76
N LYS A 54 -8.44 15.03 -19.16
CA LYS A 54 -9.21 14.10 -18.33
C LYS A 54 -8.55 12.75 -18.35
N LYS A 55 -8.27 12.24 -17.18
CA LYS A 55 -7.56 10.95 -17.03
C LYS A 55 -8.32 10.03 -16.09
N VAL A 56 -8.10 8.73 -16.24
CA VAL A 56 -8.83 7.73 -15.46
C VAL A 56 -7.84 7.08 -14.51
N TYR A 57 -8.22 6.98 -13.23
CA TYR A 57 -7.33 6.43 -12.22
C TYR A 57 -8.01 5.29 -11.50
N GLU A 58 -7.20 4.36 -11.00
CA GLU A 58 -7.73 3.31 -10.15
C GLU A 58 -7.18 3.51 -8.74
N ALA A 59 -8.08 3.55 -7.76
CA ALA A 59 -7.66 3.77 -6.39
C ALA A 59 -8.17 2.61 -5.54
N LYS A 60 -7.34 2.18 -4.60
CA LYS A 60 -7.79 1.19 -3.62
C LYS A 60 -7.74 1.84 -2.25
N VAL A 61 -8.89 1.86 -1.60
CA VAL A 61 -9.03 2.51 -0.33
C VAL A 61 -9.52 1.47 0.70
N TRP A 62 -8.76 1.30 1.78
CA TRP A 62 -9.13 0.45 2.92
C TRP A 62 -9.88 1.32 3.89
N GLU A 63 -11.08 0.93 4.28
CA GLU A 63 -11.81 1.76 5.24
C GLU A 63 -12.46 0.91 6.32
N LYS A 64 -12.53 1.50 7.51
CA LYS A 64 -13.18 0.92 8.68
C LYS A 64 -14.14 1.97 9.22
N PRO A 65 -15.43 1.79 8.95
CA PRO A 65 -16.41 2.83 9.23
C PRO A 65 -16.49 3.17 10.73
N TRP A 66 -16.42 2.17 11.58
CA TRP A 66 -16.63 2.40 13.02
C TRP A 66 -15.48 3.22 13.65
N LEU A 67 -14.46 3.55 12.87
CA LEU A 67 -13.36 4.42 13.32
C LEU A 67 -13.18 5.71 12.48
N ASN A 68 -14.01 5.87 11.45
CA ASN A 68 -13.76 6.82 10.36
C ASN A 68 -12.37 6.70 9.73
N PHE A 69 -11.84 5.47 9.76
CA PHE A 69 -10.55 5.16 9.22
C PHE A 69 -10.56 4.96 7.70
N LYS A 70 -9.63 5.59 6.98
CA LYS A 70 -9.47 5.43 5.53
C LYS A 70 -7.98 5.43 5.24
N GLU A 71 -7.52 4.52 4.40
CA GLU A 71 -6.13 4.49 3.98
C GLU A 71 -6.04 4.22 2.49
N LEU A 72 -5.31 5.09 1.79
CA LEU A 72 -5.06 4.87 0.38
C LEU A 72 -3.97 3.84 0.23
N GLN A 73 -4.29 2.70 -0.38
CA GLN A 73 -3.30 1.63 -0.52
C GLN A 73 -2.72 1.55 -1.93
N GLU A 74 -3.46 2.04 -2.93
CA GLU A 74 -2.96 2.09 -4.31
C GLU A 74 -3.61 3.23 -5.08
N PHE A 75 -2.87 3.82 -6.01
CA PHE A 75 -3.44 4.89 -6.84
C PHE A 75 -2.66 4.92 -8.14
N LYS A 76 -3.28 4.51 -9.25
CA LYS A 76 -2.56 4.48 -10.50
C LYS A 76 -3.36 5.02 -11.68
N HIS A 77 -2.66 5.69 -12.58
CA HIS A 77 -3.23 6.17 -13.84
C HIS A 77 -3.50 4.95 -14.73
N VAL A 78 -4.74 4.74 -15.17
CA VAL A 78 -4.99 3.57 -16.00
C VAL A 78 -5.45 3.88 -17.43
N GLY A 79 -5.77 5.13 -17.72
CA GLY A 79 -6.33 5.51 -19.00
C GLY A 79 -6.75 6.98 -19.12
N ASP A 80 -7.23 7.42 -20.28
CA ASP A 80 -7.67 8.80 -20.49
C ASP A 80 -9.04 8.88 -21.19
N ASN B 1 -24.68 3.79 -0.65
CA ASN B 1 -23.31 3.38 -1.00
C ASN B 1 -22.65 4.37 -1.99
N SER B 2 -23.48 5.04 -2.78
CA SER B 2 -23.03 5.97 -3.79
C SER B 2 -22.35 7.19 -3.14
N LEU B 3 -22.90 7.67 -2.03
CA LEU B 3 -22.28 8.79 -1.31
C LEU B 3 -20.96 8.32 -0.71
N GLU B 4 -20.98 7.11 -0.18
CA GLU B 4 -19.82 6.56 0.47
C GLU B 4 -18.70 6.42 -0.52
N ILE B 5 -19.04 5.89 -1.69
CA ILE B 5 -18.01 5.64 -2.70
C ILE B 5 -17.47 6.97 -3.24
N ASP B 6 -18.36 7.93 -3.44
CA ASP B 6 -17.93 9.28 -3.81
C ASP B 6 -16.97 9.85 -2.76
N SER B 7 -17.29 9.70 -1.48
CA SER B 7 -16.45 10.31 -0.42
C SER B 7 -15.07 9.63 -0.40
N LEU B 8 -15.01 8.33 -0.68
CA LEU B 8 -13.72 7.62 -0.71
C LEU B 8 -12.90 7.98 -1.94
N ALA B 9 -13.57 8.18 -3.07
CA ALA B 9 -12.89 8.61 -4.30
C ALA B 9 -12.25 10.00 -4.08
N ARG B 10 -13.00 10.91 -3.45
CA ARG B 10 -12.46 12.22 -3.14
C ARG B 10 -11.28 12.12 -2.17
N PHE B 11 -11.42 11.27 -1.16
CA PHE B 11 -10.31 11.05 -0.23
C PHE B 11 -9.08 10.57 -1.00
N ALA B 12 -9.27 9.61 -1.91
CA ALA B 12 -8.15 9.06 -2.67
C ALA B 12 -7.42 10.17 -3.46
N VAL B 13 -8.20 11.00 -4.15
CA VAL B 13 -7.58 12.10 -4.89
C VAL B 13 -6.89 13.11 -3.98
N GLU B 14 -7.51 13.46 -2.85
CA GLU B 14 -6.87 14.39 -1.88
C GLU B 14 -5.56 13.82 -1.36
N GLU B 15 -5.61 12.56 -0.96
CA GLU B 15 -4.43 11.92 -0.40
C GLU B 15 -3.33 11.81 -1.47
N HIS B 16 -3.70 11.40 -2.67
CA HIS B 16 -2.72 11.39 -3.77
C HIS B 16 -2.10 12.78 -4.02
N ASN B 17 -2.94 13.79 -4.14
CA ASN B 17 -2.43 15.14 -4.33
C ASN B 17 -1.47 15.57 -3.21
N LYS B 18 -1.80 15.22 -1.97
CA LYS B 18 -0.96 15.59 -0.81
C LYS B 18 0.38 14.85 -0.87
N LYS B 19 0.31 13.54 -1.04
CA LYS B 19 1.53 12.73 -1.07
C LYS B 19 2.46 13.12 -2.24
N GLN B 20 1.89 13.41 -3.41
CA GLN B 20 2.68 13.53 -4.63
C GLN B 20 2.84 14.98 -5.03
N ASN B 21 2.31 15.88 -4.21
CA ASN B 21 2.19 17.26 -4.60
C ASN B 21 1.61 17.49 -5.99
N ALA B 22 0.43 16.93 -6.21
CA ALA B 22 -0.16 16.93 -7.53
C ALA B 22 -1.41 17.79 -7.49
N LEU B 23 -1.99 18.00 -8.66
CA LEU B 23 -3.06 18.97 -8.85
C LEU B 23 -4.23 18.32 -9.56
N LEU B 24 -4.50 17.04 -9.26
CA LEU B 24 -5.67 16.40 -9.86
C LEU B 24 -6.93 17.18 -9.50
N GLU B 25 -7.82 17.36 -10.46
CA GLU B 25 -9.08 18.05 -10.21
C GLU B 25 -10.17 17.00 -10.29
N PHE B 26 -10.83 16.72 -9.18
CA PHE B 26 -11.79 15.62 -9.18
C PHE B 26 -12.86 15.79 -10.27
N GLY B 27 -13.13 14.72 -11.01
CA GLY B 27 -14.17 14.71 -12.05
C GLY B 27 -15.36 13.93 -11.53
N ARG B 28 -15.26 12.60 -11.56
CA ARG B 28 -16.37 11.75 -11.08
C ARG B 28 -15.96 10.33 -10.84
N VAL B 29 -16.75 9.63 -10.05
CA VAL B 29 -16.65 8.17 -9.95
C VAL B 29 -17.12 7.49 -11.24
N VAL B 30 -16.33 6.56 -11.76
CA VAL B 30 -16.69 5.79 -12.94
C VAL B 30 -17.30 4.44 -12.57
N SER B 31 -16.66 3.74 -11.65
CA SER B 31 -17.14 2.44 -11.20
C SER B 31 -16.48 2.05 -9.90
N ALA B 32 -17.02 1.05 -9.22
CA ALA B 32 -16.45 0.65 -7.95
C ALA B 32 -16.76 -0.79 -7.64
N GLN B 33 -15.81 -1.46 -7.02
CA GLN B 33 -15.99 -2.80 -6.45
C GLN B 33 -15.59 -2.74 -4.99
N GLN B 34 -16.08 -3.67 -4.18
CA GLN B 34 -15.69 -3.71 -2.76
C GLN B 34 -15.64 -5.14 -2.24
N GLN B 35 -14.79 -5.36 -1.24
CA GLN B 35 -14.74 -6.66 -0.61
C GLN B 35 -14.38 -6.50 0.84
N VAL B 36 -15.03 -7.29 1.68
CA VAL B 36 -14.71 -7.36 3.10
C VAL B 36 -13.30 -7.91 3.23
N VAL B 37 -12.49 -7.34 4.10
CA VAL B 37 -11.13 -7.86 4.28
C VAL B 37 -10.92 -8.42 5.69
N SER B 38 -10.04 -9.41 5.79
CA SER B 38 -9.70 -10.02 7.08
C SER B 38 -8.26 -10.54 7.02
N GLY B 39 -7.82 -11.16 8.12
CA GLY B 39 -6.48 -11.70 8.24
C GLY B 39 -5.65 -10.77 9.12
N THR B 40 -4.33 -10.77 8.89
CA THR B 40 -3.41 -10.02 9.74
C THR B 40 -2.49 -9.16 8.88
N LEU B 41 -2.23 -7.95 9.34
CA LEU B 41 -1.35 -7.05 8.60
C LEU B 41 -0.10 -6.80 9.43
N TYR B 42 1.07 -7.13 8.88
CA TYR B 42 2.32 -6.93 9.60
C TYR B 42 3.02 -5.72 9.05
N THR B 43 3.50 -4.84 9.92
CA THR B 43 4.27 -3.69 9.52
C THR B 43 5.66 -3.89 10.10
N ILE B 44 6.66 -4.00 9.23
CA ILE B 44 7.98 -4.44 9.64
C ILE B 44 9.02 -3.40 9.21
N THR B 45 9.88 -2.99 10.16
CA THR B 45 11.08 -2.21 9.81
C THR B 45 12.25 -3.17 9.77
N LEU B 46 13.03 -3.14 8.69
CA LEU B 46 14.16 -4.06 8.52
C LEU B 46 15.33 -3.33 7.89
N GLU B 47 16.53 -3.89 8.06
CA GLU B 47 17.70 -3.42 7.37
C GLU B 47 18.11 -4.44 6.32
N ALA B 48 18.65 -3.94 5.21
CA ALA B 48 19.10 -4.77 4.11
C ALA B 48 20.17 -4.02 3.39
N LYS B 49 21.04 -4.77 2.69
CA LYS B 49 22.15 -4.15 2.03
C LYS B 49 21.90 -4.12 0.54
N ASP B 50 22.18 -2.96 -0.02
CA ASP B 50 21.87 -2.55 -1.40
C ASP B 50 23.20 -2.05 -1.97
N GLY B 51 23.82 -2.77 -2.90
CA GLY B 51 25.16 -2.42 -3.29
C GLY B 51 26.02 -2.47 -2.02
N GLY B 52 26.92 -1.52 -1.83
CA GLY B 52 27.74 -1.58 -0.62
C GLY B 52 27.01 -1.31 0.71
N GLN B 53 25.83 -0.71 0.62
CA GLN B 53 25.30 0.09 1.70
C GLN B 53 24.09 -0.51 2.41
N LYS B 54 24.09 -0.35 3.73
CA LYS B 54 23.00 -0.81 4.56
C LYS B 54 21.93 0.28 4.61
N LYS B 55 20.69 -0.11 4.40
CA LYS B 55 19.59 0.82 4.36
C LYS B 55 18.42 0.28 5.19
N VAL B 56 17.54 1.18 5.62
CA VAL B 56 16.40 0.83 6.45
C VAL B 56 15.14 0.90 5.57
N TYR B 57 14.28 -0.11 5.70
CA TYR B 57 13.10 -0.31 4.86
C TYR B 57 11.89 -0.57 5.73
N GLU B 58 10.72 -0.17 5.24
CA GLU B 58 9.48 -0.47 5.91
C GLU B 58 8.68 -1.36 4.98
N ALA B 59 8.22 -2.49 5.49
CA ALA B 59 7.46 -3.40 4.67
C ALA B 59 6.10 -3.65 5.31
N LYS B 60 5.07 -3.79 4.49
CA LYS B 60 3.78 -4.26 5.02
C LYS B 60 3.39 -5.55 4.32
N VAL B 61 3.05 -6.58 5.11
CA VAL B 61 2.67 -7.83 4.53
C VAL B 61 1.31 -8.25 5.11
N TRP B 62 0.38 -8.51 4.21
CA TRP B 62 -0.96 -8.93 4.55
C TRP B 62 -1.01 -10.44 4.44
N GLU B 63 -1.39 -11.09 5.52
CA GLU B 63 -1.42 -12.52 5.53
C GLU B 63 -2.79 -13.05 5.88
N LYS B 64 -3.20 -14.13 5.21
CA LYS B 64 -4.38 -14.90 5.57
C LYS B 64 -3.96 -16.36 5.70
N PRO B 65 -3.60 -16.77 6.94
CA PRO B 65 -2.97 -18.09 7.12
C PRO B 65 -3.88 -19.23 6.69
N TRP B 66 -5.19 -19.07 6.77
CA TRP B 66 -6.06 -20.21 6.44
C TRP B 66 -6.06 -20.49 4.93
N LEU B 67 -5.47 -19.59 4.16
CA LEU B 67 -5.28 -19.79 2.72
C LEU B 67 -3.79 -19.87 2.30
N ASN B 68 -2.89 -19.93 3.25
CA ASN B 68 -1.47 -19.75 2.98
C ASN B 68 -1.23 -18.56 2.03
N PHE B 69 -1.92 -17.46 2.30
CA PHE B 69 -1.85 -16.25 1.49
C PHE B 69 -0.98 -15.24 2.19
N LYS B 70 -0.04 -14.63 1.45
CA LYS B 70 0.81 -13.52 1.88
C LYS B 70 0.91 -12.57 0.72
N GLU B 71 0.79 -11.28 0.98
CA GLU B 71 0.93 -10.27 -0.06
C GLU B 71 1.74 -9.13 0.46
N LEU B 72 2.76 -8.76 -0.30
CA LEU B 72 3.56 -7.55 -0.04
C LEU B 72 2.77 -6.33 -0.47
N GLN B 73 2.38 -5.51 0.50
CA GLN B 73 1.59 -4.35 0.15
C GLN B 73 2.38 -3.05 0.13
N GLU B 74 3.55 -3.07 0.76
CA GLU B 74 4.40 -1.89 0.74
C GLU B 74 5.81 -2.33 0.98
N PHE B 75 6.76 -1.65 0.33
CA PHE B 75 8.17 -1.87 0.58
C PHE B 75 8.86 -0.55 0.26
N LYS B 76 9.25 0.19 1.29
CA LYS B 76 9.69 1.57 1.11
C LYS B 76 11.05 1.78 1.75
N HIS B 77 11.96 2.43 1.04
CA HIS B 77 13.25 2.82 1.59
C HIS B 77 12.99 4.00 2.53
N VAL B 78 13.20 3.86 3.84
CA VAL B 78 12.81 4.93 4.76
C VAL B 78 14.02 5.60 5.41
N GLY B 79 15.18 4.96 5.36
CA GLY B 79 16.31 5.60 5.97
C GLY B 79 17.61 4.99 5.57
N ASP B 80 18.69 5.72 5.82
CA ASP B 80 20.03 5.24 5.56
C ASP B 80 20.70 4.85 6.88
N ALA B 81 21.64 3.93 6.83
CA ALA B 81 22.37 3.46 8.00
C ALA B 81 23.87 3.79 7.77
N PRO B 82 24.66 3.98 8.85
CA PRO B 82 26.10 4.28 8.74
C PRO B 82 26.87 3.29 7.89
N ALA B 83 27.93 3.82 7.26
CA ALA B 83 28.87 3.05 6.43
C ALA B 83 29.79 2.17 7.28
#